data_6UJE
#
_entry.id   6UJE
#
_cell.length_a   56.950
_cell.length_b   45.630
_cell.length_c   59.940
_cell.angle_alpha   90.000
_cell.angle_beta   94.990
_cell.angle_gamma   90.000
#
_symmetry.space_group_name_H-M   'P 1 21 1'
#
loop_
_entity.id
_entity.type
_entity.pdbx_description
1 polymer Endoglucanase
2 non-polymer 'CALCIUM ION'
3 water water
#
_entity_poly.entity_id   1
_entity_poly.type   'polypeptide(L)'
_entity_poly.pdbx_seq_one_letter_code
;MRDNSDTVKMKRGINIGNALESPKDFPWDVKMSNKFFDDIKDAGFDTVRIPVRFSDYTSDSDNFKIDEDFFKKIDKYVDY
ALDKDLIVVLDLHHFEEIMKEPRVHKEKFLKIWQQIANRYQKYDKKLVFELLNEPKENLYSQLLNEYIEEAIKIIRKTNP
KRTIIVGPYNFYQIDYLNELNIPKDSNIVVSFHYYEPNDFAFQGNIYHKGFEHLSNITWEGTNEQMDYLKKRFDTVENWA
NKNNVKIFLGEFGVTKEAPETSRRAWVKAVREEAEKRNFSWAYWELASGFGIYNQIEGTWDRDILSALIEKRLEHHHHHH
;
_entity_poly.pdbx_strand_id   A
#
# COMPACT_ATOMS: atom_id res chain seq x y z
N LYS A 9 -14.80 8.43 2.44
CA LYS A 9 -15.09 7.01 2.35
C LYS A 9 -13.96 6.18 2.96
N MET A 10 -12.77 6.29 2.36
CA MET A 10 -11.62 5.56 2.86
C MET A 10 -11.23 6.07 4.25
N LYS A 11 -11.01 5.14 5.18
CA LYS A 11 -10.52 5.53 6.50
C LYS A 11 -9.69 4.41 7.13
N ARG A 12 -10.31 3.29 7.45
CA ARG A 12 -9.67 2.18 8.15
C ARG A 12 -9.45 1.04 7.16
N GLY A 13 -8.20 0.82 6.76
CA GLY A 13 -7.85 -0.21 5.82
C GLY A 13 -6.82 -1.18 6.38
N ILE A 14 -6.58 -2.25 5.63
CA ILE A 14 -5.59 -3.24 6.00
C ILE A 14 -5.05 -3.89 4.74
N ASN A 15 -3.75 -4.16 4.73
CA ASN A 15 -3.09 -4.79 3.60
C ASN A 15 -3.17 -6.31 3.71
N ILE A 16 -3.47 -6.95 2.58
CA ILE A 16 -3.29 -8.41 2.47
C ILE A 16 -1.93 -8.59 1.83
N GLY A 17 -0.90 -8.56 2.68
CA GLY A 17 0.47 -8.56 2.20
C GLY A 17 1.08 -9.93 2.11
N ASN A 18 2.21 -9.99 1.39
CA ASN A 18 2.94 -11.23 1.17
C ASN A 18 2.03 -12.29 0.58
N ALA A 19 1.19 -11.89 -0.38
CA ALA A 19 0.23 -12.78 -1.00
C ALA A 19 0.40 -12.65 -2.51
N LEU A 20 -0.41 -11.82 -3.17
CA LEU A 20 -0.38 -11.71 -4.63
C LEU A 20 0.80 -10.90 -5.14
N GLU A 21 1.56 -10.23 -4.27
CA GLU A 21 2.78 -9.54 -4.67
C GLU A 21 4.00 -10.45 -4.62
N SER A 22 3.81 -11.74 -4.34
CA SER A 22 4.91 -12.69 -4.35
C SER A 22 5.47 -12.81 -5.77
N PRO A 23 6.70 -13.32 -5.90
CA PRO A 23 7.18 -13.67 -7.24
C PRO A 23 6.31 -14.76 -7.86
N LYS A 24 6.26 -14.81 -9.19
CA LYS A 24 5.38 -15.78 -9.89
C LYS A 24 5.67 -17.23 -9.54
N ASP A 25 6.95 -17.61 -9.35
CA ASP A 25 7.25 -19.05 -9.03
C ASP A 25 7.72 -19.27 -7.60
N PHE A 26 7.62 -18.27 -6.74
CA PHE A 26 7.78 -18.53 -5.31
C PHE A 26 6.69 -17.78 -4.56
N PRO A 27 5.58 -18.46 -4.28
CA PRO A 27 4.55 -17.84 -3.44
C PRO A 27 5.05 -17.67 -2.02
N TRP A 28 4.55 -16.64 -1.35
CA TRP A 28 4.94 -16.36 0.02
C TRP A 28 3.93 -16.98 0.98
N ASP A 29 3.97 -16.58 2.25
CA ASP A 29 3.36 -17.34 3.32
C ASP A 29 1.86 -17.07 3.51
N VAL A 30 1.26 -16.18 2.74
CA VAL A 30 -0.17 -15.89 2.85
C VAL A 30 -0.85 -16.28 1.55
N LYS A 31 -1.89 -17.11 1.66
CA LYS A 31 -2.66 -17.56 0.51
C LYS A 31 -3.98 -16.81 0.48
N MET A 32 -4.16 -15.98 -0.56
CA MET A 32 -5.36 -15.16 -0.67
C MET A 32 -6.61 -16.01 -0.59
N SER A 33 -7.59 -15.55 0.19
CA SER A 33 -8.84 -16.28 0.37
C SER A 33 -9.97 -15.27 0.54
N ASN A 34 -11.15 -15.65 0.03
CA ASN A 34 -12.31 -14.78 0.14
C ASN A 34 -12.76 -14.62 1.58
N LYS A 35 -12.51 -15.62 2.44
CA LYS A 35 -12.86 -15.47 3.85
C LYS A 35 -12.16 -14.28 4.48
N PHE A 36 -10.96 -13.94 4.00
CA PHE A 36 -10.28 -12.74 4.48
C PHE A 36 -11.20 -11.54 4.41
N PHE A 37 -11.85 -11.34 3.27
CA PHE A 37 -12.68 -10.15 3.07
C PHE A 37 -13.89 -10.16 4.01
N ASP A 38 -14.45 -11.33 4.30
CA ASP A 38 -15.54 -11.40 5.27
C ASP A 38 -15.07 -10.93 6.65
N ASP A 39 -13.90 -11.41 7.08
CA ASP A 39 -13.41 -11.06 8.40
C ASP A 39 -12.88 -9.63 8.44
N ILE A 40 -12.25 -9.18 7.35
CA ILE A 40 -11.81 -7.79 7.27
C ILE A 40 -13.01 -6.86 7.42
N LYS A 41 -14.09 -7.15 6.69
CA LYS A 41 -15.29 -6.33 6.77
C LYS A 41 -15.89 -6.35 8.17
N ASP A 42 -16.03 -7.55 8.74
CA ASP A 42 -16.68 -7.68 10.05
C ASP A 42 -15.86 -7.05 11.17
N ALA A 43 -14.56 -6.84 10.97
CA ALA A 43 -13.73 -6.26 12.01
C ALA A 43 -13.89 -4.75 12.11
N GLY A 44 -14.46 -4.10 11.10
CA GLY A 44 -14.62 -2.67 11.09
C GLY A 44 -13.83 -1.93 10.03
N PHE A 45 -12.99 -2.63 9.26
CA PHE A 45 -12.26 -1.98 8.18
C PHE A 45 -13.20 -1.67 7.02
N ASP A 46 -13.00 -0.50 6.42
CA ASP A 46 -13.75 -0.11 5.23
C ASP A 46 -12.93 -0.22 3.96
N THR A 47 -11.62 -0.42 4.07
CA THR A 47 -10.74 -0.48 2.91
C THR A 47 -9.82 -1.68 3.03
N VAL A 48 -9.57 -2.32 1.89
CA VAL A 48 -8.59 -3.41 1.79
C VAL A 48 -7.63 -3.07 0.66
N ARG A 49 -6.33 -3.16 0.95
CA ARG A 49 -5.29 -2.93 -0.03
C ARG A 49 -4.74 -4.28 -0.49
N ILE A 50 -4.68 -4.48 -1.80
CA ILE A 50 -4.28 -5.75 -2.38
C ILE A 50 -3.04 -5.52 -3.24
N PRO A 51 -1.85 -5.78 -2.70
CA PRO A 51 -0.64 -5.71 -3.54
C PRO A 51 -0.64 -6.83 -4.57
N VAL A 52 -0.31 -6.48 -5.81
CA VAL A 52 -0.31 -7.44 -6.92
C VAL A 52 0.92 -7.17 -7.78
N ARG A 53 1.75 -8.19 -7.97
CA ARG A 53 2.94 -8.08 -8.79
C ARG A 53 2.63 -8.50 -10.23
N PHE A 54 1.82 -7.65 -10.88
CA PHE A 54 1.45 -7.92 -12.27
C PHE A 54 2.68 -8.06 -13.16
N SER A 55 3.79 -7.43 -12.79
CA SER A 55 4.97 -7.43 -13.63
C SER A 55 5.53 -8.84 -13.86
N ASP A 56 5.21 -9.78 -12.97
CA ASP A 56 5.71 -11.15 -13.09
C ASP A 56 4.82 -12.02 -13.97
N TYR A 57 3.80 -11.46 -14.62
CA TYR A 57 2.81 -12.25 -15.33
C TYR A 57 2.54 -11.69 -16.72
N THR A 58 3.52 -11.03 -17.33
CA THR A 58 3.33 -10.34 -18.60
C THR A 58 4.10 -11.05 -19.70
N SER A 59 3.54 -11.00 -20.91
CA SER A 59 4.33 -11.31 -22.09
C SER A 59 5.59 -10.46 -22.08
N ASP A 60 6.75 -11.12 -22.07
CA ASP A 60 8.02 -10.43 -21.90
C ASP A 60 8.81 -10.34 -23.19
N ASP A 62 6.26 -8.84 -25.78
CA ASP A 62 5.59 -8.35 -27.01
C ASP A 62 4.75 -7.13 -26.65
N ASN A 63 3.47 -7.38 -26.35
CA ASN A 63 2.51 -6.40 -25.87
C ASN A 63 2.46 -6.32 -24.36
N PHE A 64 3.21 -7.18 -23.66
CA PHE A 64 3.15 -7.27 -22.20
C PHE A 64 1.73 -7.59 -21.74
N LYS A 65 1.19 -8.67 -22.31
CA LYS A 65 -0.16 -9.12 -21.99
C LYS A 65 -0.16 -9.87 -20.67
N ILE A 66 -0.92 -9.38 -19.70
CA ILE A 66 -1.00 -10.04 -18.41
C ILE A 66 -1.62 -11.42 -18.57
N ASP A 67 -1.02 -12.41 -17.93
CA ASP A 67 -1.55 -13.78 -17.97
C ASP A 67 -3.03 -13.78 -17.63
N GLU A 68 -3.85 -14.22 -18.59
CA GLU A 68 -5.30 -14.18 -18.39
C GLU A 68 -5.72 -15.05 -17.22
N ASP A 69 -5.11 -16.22 -17.08
CA ASP A 69 -5.42 -17.08 -15.93
C ASP A 69 -5.20 -16.33 -14.62
N PHE A 70 -4.05 -15.68 -14.49
CA PHE A 70 -3.77 -14.88 -13.30
C PHE A 70 -4.74 -13.71 -13.20
N PHE A 71 -5.08 -13.10 -14.33
CA PHE A 71 -6.01 -11.97 -14.29
C PHE A 71 -7.40 -12.41 -13.84
N LYS A 72 -7.83 -13.62 -14.20
CA LYS A 72 -9.10 -14.12 -13.70
C LYS A 72 -9.06 -14.34 -12.20
N LYS A 73 -7.89 -14.72 -11.66
CA LYS A 73 -7.75 -14.81 -10.22
C LYS A 73 -7.97 -13.45 -9.56
N ILE A 74 -7.39 -12.40 -10.14
CA ILE A 74 -7.59 -11.05 -9.62
C ILE A 74 -9.06 -10.66 -9.70
N ASP A 75 -9.73 -11.05 -10.79
CA ASP A 75 -11.17 -10.83 -10.87
C ASP A 75 -11.90 -11.50 -9.71
N LYS A 76 -11.47 -12.72 -9.35
CA LYS A 76 -12.14 -13.46 -8.29
C LYS A 76 -12.17 -12.67 -6.99
N TYR A 77 -10.99 -12.23 -6.53
CA TYR A 77 -10.91 -11.60 -5.21
C TYR A 77 -11.45 -10.17 -5.23
N VAL A 78 -11.20 -9.43 -6.31
CA VAL A 78 -11.71 -8.06 -6.38
C VAL A 78 -13.24 -8.07 -6.37
N ASP A 79 -13.85 -8.93 -7.19
CA ASP A 79 -15.30 -9.04 -7.20
C ASP A 79 -15.84 -9.36 -5.81
N TYR A 80 -15.28 -10.39 -5.17
CA TYR A 80 -15.77 -10.80 -3.86
C TYR A 80 -15.62 -9.66 -2.84
N ALA A 81 -14.44 -9.04 -2.78
CA ALA A 81 -14.23 -7.95 -1.85
C ALA A 81 -15.19 -6.80 -2.11
N LEU A 82 -15.30 -6.38 -3.37
CA LEU A 82 -16.22 -5.29 -3.71
C LEU A 82 -17.66 -5.66 -3.36
N ASP A 83 -18.05 -6.91 -3.59
CA ASP A 83 -19.40 -7.34 -3.28
C ASP A 83 -19.69 -7.30 -1.78
N LYS A 84 -18.66 -7.23 -0.95
CA LYS A 84 -18.84 -7.05 0.49
C LYS A 84 -18.80 -5.58 0.90
N ASP A 85 -18.95 -4.66 -0.07
CA ASP A 85 -18.96 -3.23 0.16
C ASP A 85 -17.64 -2.69 0.66
N LEU A 86 -16.54 -3.39 0.39
CA LEU A 86 -15.21 -2.93 0.77
C LEU A 86 -14.65 -2.04 -0.32
N ILE A 87 -13.91 -1.02 0.08
CA ILE A 87 -13.10 -0.24 -0.87
C ILE A 87 -11.83 -1.03 -1.15
N VAL A 88 -11.53 -1.23 -2.43
CA VAL A 88 -10.44 -2.09 -2.85
C VAL A 88 -9.38 -1.23 -3.54
N VAL A 89 -8.17 -1.23 -3.00
CA VAL A 89 -7.03 -0.56 -3.61
C VAL A 89 -6.23 -1.60 -4.37
N LEU A 90 -6.28 -1.54 -5.70
CA LEU A 90 -5.50 -2.42 -6.54
C LEU A 90 -4.12 -1.79 -6.74
N ASP A 91 -3.09 -2.47 -6.24
CA ASP A 91 -1.77 -1.88 -6.00
C ASP A 91 -0.73 -2.63 -6.80
N LEU A 92 -0.15 -1.97 -7.81
CA LEU A 92 0.93 -2.55 -8.61
C LEU A 92 2.19 -2.60 -7.75
N HIS A 93 2.49 -3.78 -7.21
CA HIS A 93 3.46 -3.94 -6.15
C HIS A 93 4.67 -4.73 -6.64
N HIS A 94 5.85 -4.34 -6.17
CA HIS A 94 7.09 -5.08 -6.43
C HIS A 94 7.39 -5.19 -7.92
N PHE A 95 7.21 -4.08 -8.64
CA PHE A 95 7.73 -3.97 -10.01
C PHE A 95 9.20 -3.64 -9.89
N GLU A 96 10.02 -4.69 -9.77
CA GLU A 96 11.43 -4.52 -9.43
CA GLU A 96 11.42 -4.51 -9.43
C GLU A 96 12.25 -4.01 -10.61
N GLU A 97 12.03 -4.53 -11.81
CA GLU A 97 12.97 -4.16 -12.89
C GLU A 97 12.82 -2.69 -13.26
N ILE A 98 11.63 -2.12 -13.16
CA ILE A 98 11.51 -0.71 -13.49
C ILE A 98 12.30 0.16 -12.52
N MET A 99 12.59 -0.35 -11.33
CA MET A 99 13.36 0.46 -10.35
C MET A 99 14.84 0.40 -10.74
N LYS A 100 15.27 -0.66 -11.40
CA LYS A 100 16.67 -0.78 -11.82
C LYS A 100 16.93 -0.05 -13.12
N GLU A 101 16.10 -0.29 -14.14
CA GLU A 101 16.26 0.32 -15.46
C GLU A 101 14.90 0.86 -15.89
N PRO A 102 14.50 2.02 -15.36
CA PRO A 102 13.14 2.51 -15.63
C PRO A 102 12.86 2.74 -17.11
N ARG A 103 13.84 3.23 -17.86
CA ARG A 103 13.60 3.54 -19.27
C ARG A 103 13.39 2.28 -20.10
N VAL A 104 13.93 1.15 -19.67
CA VAL A 104 13.72 -0.10 -20.39
C VAL A 104 12.30 -0.61 -20.20
N HIS A 105 11.69 -0.30 -19.05
CA HIS A 105 10.41 -0.89 -18.68
C HIS A 105 9.28 0.12 -18.61
N LYS A 106 9.49 1.34 -19.13
CA LYS A 106 8.43 2.33 -19.14
C LYS A 106 7.21 1.81 -19.91
N GLU A 107 7.43 1.29 -21.12
CA GLU A 107 6.32 0.85 -21.95
C GLU A 107 5.56 -0.30 -21.30
N LYS A 108 6.28 -1.27 -20.73
CA LYS A 108 5.62 -2.35 -20.00
C LYS A 108 4.77 -1.81 -18.87
N PHE A 109 5.23 -0.73 -18.22
CA PHE A 109 4.45 -0.11 -17.16
C PHE A 109 3.16 0.50 -17.69
N LEU A 110 3.24 1.16 -18.85
CA LEU A 110 2.06 1.82 -19.40
C LEU A 110 1.07 0.80 -19.95
N LYS A 111 1.56 -0.25 -20.59
CA LYS A 111 0.65 -1.26 -21.15
C LYS A 111 -0.02 -2.08 -20.04
N ILE A 112 0.71 -2.35 -18.96
CA ILE A 112 0.11 -3.05 -17.83
C ILE A 112 -1.12 -2.31 -17.34
N TRP A 113 -1.00 -0.99 -17.18
CA TRP A 113 -2.11 -0.19 -16.68
C TRP A 113 -3.18 0.02 -17.74
N GLN A 114 -2.81 -0.01 -19.03
CA GLN A 114 -3.82 0.02 -20.08
C GLN A 114 -4.77 -1.16 -19.95
N GLN A 115 -4.22 -2.36 -19.69
CA GLN A 115 -5.07 -3.55 -19.56
C GLN A 115 -5.92 -3.47 -18.30
N ILE A 116 -5.34 -3.03 -17.18
CA ILE A 116 -6.11 -2.93 -15.95
C ILE A 116 -7.23 -1.91 -16.09
N ALA A 117 -6.94 -0.78 -16.74
CA ALA A 117 -7.96 0.26 -16.90
C ALA A 117 -9.09 -0.21 -17.81
N ASN A 118 -8.75 -0.94 -18.88
CA ASN A 118 -9.78 -1.41 -19.81
C ASN A 118 -10.58 -2.57 -19.22
N ARG A 119 -9.94 -3.41 -18.41
CA ARG A 119 -10.60 -4.60 -17.88
C ARG A 119 -11.56 -4.28 -16.74
N TYR A 120 -11.29 -3.21 -15.99
CA TYR A 120 -12.11 -2.84 -14.83
C TYR A 120 -12.77 -1.48 -14.99
N GLN A 121 -12.95 -1.01 -16.23
CA GLN A 121 -13.45 0.34 -16.44
C GLN A 121 -14.87 0.51 -15.91
N LYS A 122 -15.69 -0.54 -16.00
CA LYS A 122 -17.08 -0.48 -15.57
C LYS A 122 -17.29 -0.99 -14.15
N TYR A 123 -16.22 -1.09 -13.37
CA TYR A 123 -16.33 -1.58 -12.01
C TYR A 123 -16.78 -0.47 -11.07
N ASP A 124 -17.30 -0.87 -9.91
CA ASP A 124 -17.83 0.09 -8.94
C ASP A 124 -16.76 1.11 -8.55
N LYS A 125 -17.23 2.31 -8.18
CA LYS A 125 -16.33 3.37 -7.75
C LYS A 125 -15.44 2.94 -6.59
N LYS A 126 -15.83 1.91 -5.84
CA LYS A 126 -15.07 1.48 -4.68
C LYS A 126 -13.74 0.81 -5.06
N LEU A 127 -13.53 0.53 -6.34
CA LEU A 127 -12.25 0.00 -6.80
C LEU A 127 -11.31 1.18 -7.09
N VAL A 128 -10.14 1.17 -6.46
CA VAL A 128 -9.17 2.25 -6.59
C VAL A 128 -7.91 1.72 -7.25
N PHE A 129 -7.24 2.59 -8.00
CA PHE A 129 -6.01 2.24 -8.71
C PHE A 129 -4.83 2.89 -8.02
N GLU A 130 -3.82 2.08 -7.70
CA GLU A 130 -2.55 2.58 -7.17
C GLU A 130 -1.46 2.21 -8.17
N LEU A 131 -0.81 3.23 -8.75
CA LEU A 131 -0.04 3.03 -9.97
C LEU A 131 1.21 2.19 -9.74
N LEU A 132 2.01 2.55 -8.74
CA LEU A 132 3.32 1.92 -8.58
C LEU A 132 3.77 2.06 -7.13
N ASN A 133 3.79 0.95 -6.40
CA ASN A 133 4.18 0.99 -5.00
C ASN A 133 5.66 1.31 -4.85
N GLU A 134 5.97 2.23 -3.93
CA GLU A 134 7.31 2.54 -3.46
C GLU A 134 8.33 2.63 -4.59
N PRO A 135 8.21 3.63 -5.46
CA PRO A 135 9.30 3.88 -6.42
C PRO A 135 10.61 4.10 -5.68
N LYS A 136 11.70 3.62 -6.29
CA LYS A 136 12.98 3.57 -5.60
C LYS A 136 14.09 3.45 -6.62
N GLU A 137 15.32 3.52 -6.12
CA GLU A 137 16.53 3.25 -6.90
C GLU A 137 16.57 4.21 -8.09
N ASN A 138 16.56 3.73 -9.33
CA ASN A 138 16.82 4.58 -10.48
C ASN A 138 15.58 5.23 -11.06
N LEU A 139 14.39 4.90 -10.56
CA LEU A 139 13.16 5.57 -10.99
C LEU A 139 12.97 6.84 -10.16
N TYR A 140 13.90 7.77 -10.33
CA TYR A 140 13.88 8.99 -9.54
C TYR A 140 12.71 9.88 -9.99
N SER A 141 12.54 11.00 -9.27
CA SER A 141 11.28 11.74 -9.34
C SER A 141 11.00 12.27 -10.74
N GLN A 142 12.02 12.78 -11.43
CA GLN A 142 11.78 13.37 -12.75
C GLN A 142 11.23 12.32 -13.71
N LEU A 143 11.74 11.10 -13.65
CA LEU A 143 11.17 10.02 -14.44
C LEU A 143 9.85 9.53 -13.85
N LEU A 144 9.78 9.40 -12.52
CA LEU A 144 8.56 8.95 -11.87
C LEU A 144 7.38 9.83 -12.25
N ASN A 145 7.53 11.16 -12.11
CA ASN A 145 6.46 12.07 -12.47
C ASN A 145 6.06 11.90 -13.93
N GLU A 146 7.05 11.80 -14.82
CA GLU A 146 6.75 11.65 -16.24
C GLU A 146 5.93 10.39 -16.50
N TYR A 147 6.28 9.28 -15.85
CA TYR A 147 5.55 8.04 -16.08
C TYR A 147 4.15 8.10 -15.46
N ILE A 148 4.02 8.72 -14.28
CA ILE A 148 2.71 8.83 -13.65
C ILE A 148 1.75 9.63 -14.52
N GLU A 149 2.23 10.75 -15.08
CA GLU A 149 1.38 11.56 -15.94
C GLU A 149 0.89 10.77 -17.14
N GLU A 150 1.79 10.01 -17.78
CA GLU A 150 1.39 9.24 -18.94
C GLU A 150 0.44 8.11 -18.56
N ALA A 151 0.65 7.47 -17.41
CA ALA A 151 -0.23 6.40 -16.99
C ALA A 151 -1.61 6.93 -16.63
N ILE A 152 -1.68 8.11 -16.02
CA ILE A 152 -2.97 8.66 -15.64
C ILE A 152 -3.78 9.04 -16.87
N LYS A 153 -3.12 9.55 -17.91
CA LYS A 153 -3.83 9.91 -19.14
C LYS A 153 -4.35 8.68 -19.87
N ILE A 154 -3.66 7.55 -19.76
CA ILE A 154 -4.15 6.32 -20.36
C ILE A 154 -5.37 5.81 -19.59
N ILE A 155 -5.26 5.75 -18.26
CA ILE A 155 -6.37 5.27 -17.45
C ILE A 155 -7.60 6.15 -17.64
N ARG A 156 -7.41 7.46 -17.72
CA ARG A 156 -8.54 8.39 -17.79
C ARG A 156 -9.33 8.24 -19.07
N LYS A 157 -8.78 7.59 -20.09
CA LYS A 157 -9.53 7.39 -21.33
C LYS A 157 -10.73 6.48 -21.10
N THR A 158 -10.66 5.60 -20.10
CA THR A 158 -11.77 4.71 -19.76
C THR A 158 -12.27 4.88 -18.34
N ASN A 159 -11.47 5.44 -17.44
CA ASN A 159 -11.84 5.64 -16.04
C ASN A 159 -11.66 7.11 -15.69
N PRO A 160 -12.52 7.98 -16.22
CA PRO A 160 -12.30 9.43 -16.07
C PRO A 160 -12.30 9.89 -14.62
N LYS A 161 -12.95 9.07 -13.78
CA LYS A 161 -13.23 9.47 -12.37
C LYS A 161 -12.79 8.49 -11.28
N ARG A 162 -12.31 7.29 -11.56
CA ARG A 162 -11.83 6.36 -10.55
C ARG A 162 -10.70 7.02 -9.77
N THR A 163 -10.70 6.80 -8.46
CA THR A 163 -9.65 7.34 -7.62
C THR A 163 -8.32 6.69 -7.98
N ILE A 164 -7.28 7.51 -8.15
CA ILE A 164 -5.94 7.04 -8.46
C ILE A 164 -5.02 7.48 -7.32
N ILE A 165 -4.18 6.56 -6.86
CA ILE A 165 -3.26 6.81 -5.75
C ILE A 165 -1.84 6.83 -6.30
N VAL A 166 -1.11 7.91 -6.01
CA VAL A 166 0.28 8.05 -6.40
C VAL A 166 1.10 8.33 -5.14
N GLY A 167 2.41 8.11 -5.25
CA GLY A 167 3.29 8.27 -4.12
C GLY A 167 4.66 8.78 -4.50
N PRO A 168 5.39 9.31 -3.53
CA PRO A 168 6.69 9.92 -3.81
C PRO A 168 7.80 8.88 -3.92
N TYR A 169 8.96 9.38 -4.37
CA TYR A 169 10.15 8.56 -4.57
C TYR A 169 10.70 8.06 -3.24
N ASN A 170 11.55 7.04 -3.33
CA ASN A 170 12.27 6.50 -2.18
C ASN A 170 11.32 5.84 -1.18
N PHE A 171 10.55 4.86 -1.68
CA PHE A 171 9.69 4.04 -0.84
C PHE A 171 8.52 4.85 -0.26
N TYR A 172 7.89 5.68 -1.08
CA TYR A 172 6.77 6.50 -0.62
C TYR A 172 7.16 7.34 0.59
N GLN A 173 8.35 7.96 0.53
CA GLN A 173 8.93 8.60 1.70
C GLN A 173 8.45 10.04 1.84
N ILE A 174 8.16 10.44 3.09
CA ILE A 174 7.74 11.81 3.38
C ILE A 174 8.70 12.81 2.76
N ASP A 175 10.00 12.55 2.89
CA ASP A 175 11.02 13.51 2.46
C ASP A 175 11.00 13.80 0.97
N TYR A 176 10.29 13.01 0.17
CA TYR A 176 10.27 13.21 -1.27
C TYR A 176 8.92 13.66 -1.80
N LEU A 177 7.99 14.01 -0.91
CA LEU A 177 6.72 14.58 -1.35
C LEU A 177 6.94 15.85 -2.17
N ASN A 178 7.92 16.66 -1.77
CA ASN A 178 8.16 17.93 -2.45
C ASN A 178 8.54 17.74 -3.92
N GLU A 179 9.02 16.55 -4.26
CA GLU A 179 9.43 16.32 -5.65
C GLU A 179 8.26 15.74 -6.46
N LEU A 180 7.25 15.16 -5.80
CA LEU A 180 6.09 14.60 -6.49
C LEU A 180 5.26 15.71 -7.12
N ASN A 181 5.08 15.63 -8.44
CA ASN A 181 4.19 16.55 -9.14
C ASN A 181 2.75 16.05 -9.00
N ILE A 182 1.89 16.88 -8.39
CA ILE A 182 0.49 16.52 -8.22
C ILE A 182 -0.22 16.72 -9.56
N PRO A 183 -0.82 15.67 -10.12
CA PRO A 183 -1.53 15.85 -11.39
C PRO A 183 -2.72 16.77 -11.22
N LYS A 184 -3.03 17.52 -12.27
CA LYS A 184 -4.19 18.41 -12.28
C LYS A 184 -5.44 17.55 -12.54
N ASP A 185 -5.73 16.68 -11.58
CA ASP A 185 -6.84 15.74 -11.63
C ASP A 185 -7.44 15.68 -10.23
N SER A 186 -8.75 15.91 -10.14
CA SER A 186 -9.40 16.02 -8.84
C SER A 186 -9.62 14.68 -8.14
N ASN A 187 -9.46 13.56 -8.84
CA ASN A 187 -9.67 12.26 -8.24
C ASN A 187 -8.35 11.52 -8.06
N ILE A 188 -7.44 12.10 -7.27
CA ILE A 188 -6.11 11.54 -7.07
C ILE A 188 -5.77 11.64 -5.58
N VAL A 189 -5.45 10.51 -4.98
CA VAL A 189 -5.00 10.45 -3.59
C VAL A 189 -3.49 10.27 -3.59
N VAL A 190 -2.81 11.00 -2.70
CA VAL A 190 -1.37 10.90 -2.53
C VAL A 190 -1.09 10.05 -1.30
N SER A 191 -0.15 9.12 -1.43
CA SER A 191 0.10 8.11 -0.41
C SER A 191 1.55 8.16 0.06
N PHE A 192 1.73 8.01 1.37
CA PHE A 192 3.05 7.79 1.94
C PHE A 192 2.99 6.56 2.85
N HIS A 193 4.17 6.01 3.10
CA HIS A 193 4.33 4.89 4.03
C HIS A 193 5.15 5.34 5.22
N TYR A 194 4.83 4.81 6.39
CA TYR A 194 5.48 5.23 7.64
C TYR A 194 5.88 4.02 8.45
N TYR A 195 7.18 3.86 8.67
CA TYR A 195 7.74 2.79 9.50
C TYR A 195 8.84 3.32 10.41
N GLU A 196 8.65 4.55 10.87
CA GLU A 196 9.65 5.22 11.73
C GLU A 196 9.37 5.05 13.22
N PRO A 197 10.62 4.68 13.92
CA PRO A 197 11.98 4.40 13.41
C PRO A 197 12.07 3.03 12.74
N ASN A 198 12.92 2.93 11.72
CA ASN A 198 12.98 1.72 10.92
C ASN A 198 13.38 0.50 11.75
N ASP A 199 14.34 0.66 12.67
CA ASP A 199 14.83 -0.50 13.39
C ASP A 199 13.75 -1.08 14.32
N PHE A 200 12.93 -0.23 14.91
CA PHE A 200 11.86 -0.75 15.76
C PHE A 200 10.79 -1.45 14.95
N ALA A 201 10.36 -0.83 13.84
CA ALA A 201 9.21 -1.34 13.10
C ALA A 201 9.55 -2.62 12.35
N PHE A 202 10.78 -2.76 11.86
CA PHE A 202 11.16 -3.89 11.02
C PHE A 202 11.87 -5.00 11.77
N GLN A 203 12.11 -4.84 13.07
CA GLN A 203 12.99 -5.75 13.78
C GLN A 203 12.57 -7.20 13.61
N GLY A 204 13.51 -8.03 13.15
CA GLY A 204 13.30 -9.46 13.08
C GLY A 204 12.61 -9.98 11.84
N ASN A 205 12.32 -9.12 10.87
CA ASN A 205 11.62 -9.53 9.66
C ASN A 205 12.63 -9.94 8.59
N ILE A 206 12.44 -11.13 8.01
CA ILE A 206 13.38 -11.61 7.01
C ILE A 206 13.18 -10.91 5.67
N TYR A 207 11.96 -10.47 5.35
CA TYR A 207 11.69 -9.74 4.13
C TYR A 207 12.18 -8.30 4.18
N HIS A 208 13.03 -7.96 5.15
CA HIS A 208 13.58 -6.61 5.24
C HIS A 208 15.10 -6.71 5.33
N LYS A 209 15.75 -6.43 4.23
CA LYS A 209 17.22 -6.54 4.14
C LYS A 209 17.86 -5.66 5.20
N GLY A 210 18.68 -6.25 6.08
CA GLY A 210 19.44 -5.56 7.09
C GLY A 210 18.74 -5.40 8.43
N PHE A 211 17.51 -5.90 8.57
CA PHE A 211 16.76 -5.76 9.81
C PHE A 211 16.40 -7.08 10.46
N GLU A 212 16.79 -8.21 9.87
CA GLU A 212 16.37 -9.52 10.37
C GLU A 212 17.00 -9.87 11.72
N HIS A 213 18.14 -9.27 12.06
CA HIS A 213 18.85 -9.64 13.27
C HIS A 213 18.72 -8.61 14.38
N LEU A 214 17.92 -7.57 14.20
CA LEU A 214 17.59 -6.69 15.32
C LEU A 214 16.77 -7.46 16.35
N SER A 215 16.85 -7.03 17.60
CA SER A 215 16.24 -7.79 18.67
C SER A 215 15.89 -6.88 19.85
N ASN A 216 14.63 -6.94 20.28
CA ASN A 216 14.18 -6.36 21.55
C ASN A 216 14.35 -4.84 21.58
N ILE A 217 13.91 -4.19 20.50
CA ILE A 217 13.92 -2.74 20.40
C ILE A 217 12.56 -2.21 20.83
N THR A 218 12.56 -1.26 21.75
CA THR A 218 11.34 -0.76 22.37
C THR A 218 10.92 0.58 21.77
N TRP A 219 9.62 0.84 21.82
CA TRP A 219 9.05 2.15 21.52
C TRP A 219 8.07 2.46 22.65
N GLU A 220 8.48 3.31 23.59
CA GLU A 220 7.72 3.58 24.81
C GLU A 220 6.88 4.84 24.72
N GLY A 221 6.81 5.47 23.55
CA GLY A 221 6.01 6.68 23.41
C GLY A 221 6.47 7.82 24.28
N THR A 222 7.79 7.99 24.41
CA THR A 222 8.34 9.11 25.17
C THR A 222 7.95 10.43 24.54
N ASN A 223 8.32 11.54 25.17
CA ASN A 223 7.94 12.85 24.64
C ASN A 223 8.67 13.16 23.34
N GLU A 224 9.95 12.80 23.25
CA GLU A 224 10.67 13.00 22.00
C GLU A 224 10.22 12.02 20.93
N GLN A 225 9.85 10.81 21.32
CA GLN A 225 9.29 9.86 20.35
C GLN A 225 7.97 10.37 19.80
N MET A 226 7.10 10.88 20.68
CA MET A 226 5.83 11.44 20.23
C MET A 226 6.04 12.73 19.45
N ASP A 227 7.01 13.54 19.87
CA ASP A 227 7.31 14.77 19.14
C ASP A 227 7.81 14.48 17.73
N TYR A 228 8.64 13.45 17.61
CA TYR A 228 9.18 13.10 16.28
C TYR A 228 8.03 12.70 15.37
N LEU A 229 7.19 11.76 15.82
CA LEU A 229 6.09 11.28 15.00
C LEU A 229 5.21 12.42 14.51
N LYS A 230 4.90 13.36 15.42
CA LYS A 230 4.01 14.50 15.12
C LYS A 230 4.66 15.45 14.14
N LYS A 231 5.96 15.68 14.28
CA LYS A 231 6.67 16.56 13.36
C LYS A 231 6.68 16.00 11.95
N ARG A 232 6.92 14.68 11.83
CA ARG A 232 6.89 14.04 10.51
C ARG A 232 5.52 14.18 9.86
N PHE A 233 4.45 13.94 10.64
CA PHE A 233 3.10 14.07 10.08
C PHE A 233 2.75 15.52 9.80
N ASP A 234 3.36 16.47 10.53
CA ASP A 234 3.22 17.88 10.17
C ASP A 234 3.70 18.12 8.75
N THR A 235 4.85 17.55 8.39
CA THR A 235 5.40 17.75 7.05
C THR A 235 4.42 17.31 5.98
N VAL A 236 3.77 16.16 6.16
CA VAL A 236 2.84 15.67 5.15
C VAL A 236 1.58 16.53 5.11
N GLU A 237 1.06 16.90 6.28
CA GLU A 237 -0.15 17.73 6.31
C GLU A 237 0.10 19.07 5.65
N ASN A 238 1.20 19.74 6.02
CA ASN A 238 1.53 21.01 5.39
C ASN A 238 1.62 20.88 3.88
N TRP A 239 2.33 19.84 3.41
CA TRP A 239 2.40 19.60 1.96
C TRP A 239 1.02 19.34 1.39
N ALA A 240 0.20 18.56 2.09
CA ALA A 240 -1.15 18.28 1.60
C ALA A 240 -2.02 19.53 1.61
N ASN A 241 -1.87 20.38 2.63
CA ASN A 241 -2.64 21.62 2.68
C ASN A 241 -2.32 22.51 1.48
N LYS A 242 -1.04 22.65 1.14
CA LYS A 242 -0.66 23.56 0.08
C LYS A 242 -1.08 23.06 -1.29
N ASN A 243 -1.11 21.74 -1.50
CA ASN A 243 -1.41 21.15 -2.80
C ASN A 243 -2.85 20.70 -2.94
N ASN A 244 -3.66 20.78 -1.87
CA ASN A 244 -5.08 20.43 -1.93
C ASN A 244 -5.27 18.99 -2.42
N VAL A 245 -4.92 18.05 -1.55
CA VAL A 245 -5.05 16.63 -1.87
C VAL A 245 -5.26 15.84 -0.58
N LYS A 246 -6.05 14.78 -0.67
CA LYS A 246 -6.21 13.85 0.43
C LYS A 246 -5.01 12.92 0.52
N ILE A 247 -4.69 12.50 1.73
CA ILE A 247 -3.51 11.71 2.00
C ILE A 247 -3.93 10.33 2.49
N PHE A 248 -3.26 9.30 1.99
CA PHE A 248 -3.53 7.90 2.34
C PHE A 248 -2.24 7.31 2.89
N LEU A 249 -2.23 7.01 4.19
CA LEU A 249 -1.10 6.31 4.81
C LEU A 249 -1.25 4.83 4.46
N GLY A 250 -0.76 4.49 3.27
CA GLY A 250 -1.02 3.18 2.69
C GLY A 250 -0.37 2.02 3.41
N GLU A 251 0.70 2.27 4.17
CA GLU A 251 1.39 1.21 4.88
C GLU A 251 1.96 1.74 6.18
N PHE A 252 1.66 1.06 7.27
CA PHE A 252 2.34 1.25 8.55
C PHE A 252 2.08 0.01 9.38
N GLY A 253 3.09 -0.40 10.15
CA GLY A 253 2.95 -1.61 10.94
C GLY A 253 4.26 -1.95 11.63
N VAL A 254 4.18 -2.97 12.47
CA VAL A 254 5.30 -3.42 13.28
C VAL A 254 5.34 -4.94 13.26
N THR A 255 6.56 -5.48 13.15
CA THR A 255 6.73 -6.93 13.10
C THR A 255 6.21 -7.59 14.38
N LYS A 256 5.87 -8.87 14.26
CA LYS A 256 5.44 -9.64 15.42
C LYS A 256 6.58 -9.85 16.42
N GLU A 257 7.83 -9.75 15.97
CA GLU A 257 8.97 -9.97 16.85
C GLU A 257 9.20 -8.84 17.83
N ALA A 258 8.52 -7.71 17.66
CA ALA A 258 8.73 -6.57 18.54
C ALA A 258 8.08 -6.78 19.90
N PRO A 259 8.59 -6.11 20.94
CA PRO A 259 7.95 -6.22 22.26
C PRO A 259 6.47 -5.85 22.20
N GLU A 260 5.64 -6.70 22.82
CA GLU A 260 4.19 -6.56 22.71
C GLU A 260 3.73 -5.14 23.01
N THR A 261 4.10 -4.63 24.18
CA THR A 261 3.59 -3.33 24.62
C THR A 261 3.97 -2.23 23.64
N SER A 262 5.23 -2.22 23.21
CA SER A 262 5.68 -1.18 22.28
C SER A 262 4.95 -1.29 20.95
N ARG A 263 4.84 -2.50 20.42
CA ARG A 263 4.13 -2.70 19.15
C ARG A 263 2.74 -2.09 19.18
N ARG A 264 1.98 -2.40 20.24
CA ARG A 264 0.63 -1.84 20.36
C ARG A 264 0.67 -0.32 20.50
N ALA A 265 1.57 0.19 21.33
CA ALA A 265 1.64 1.63 21.55
C ALA A 265 2.03 2.37 20.27
N TRP A 266 3.00 1.84 19.53
CA TRP A 266 3.40 2.47 18.27
C TRP A 266 2.24 2.48 17.28
N VAL A 267 1.60 1.32 17.09
CA VAL A 267 0.49 1.24 16.14
C VAL A 267 -0.65 2.14 16.57
N LYS A 268 -0.95 2.17 17.87
CA LYS A 268 -1.98 3.07 18.37
C LYS A 268 -1.66 4.53 18.06
N ALA A 269 -0.42 4.95 18.36
CA ALA A 269 -0.05 6.35 18.17
C ALA A 269 -0.05 6.73 16.69
N VAL A 270 0.48 5.86 15.83
CA VAL A 270 0.53 6.19 14.40
C VAL A 270 -0.88 6.29 13.83
N ARG A 271 -1.73 5.31 14.13
CA ARG A 271 -3.12 5.37 13.67
C ARG A 271 -3.79 6.65 14.15
N GLU A 272 -3.61 6.98 15.42
CA GLU A 272 -4.24 8.18 15.97
C GLU A 272 -3.76 9.44 15.26
N GLU A 273 -2.46 9.53 14.99
CA GLU A 273 -1.93 10.70 14.29
C GLU A 273 -2.53 10.81 12.89
N ALA A 274 -2.69 9.68 12.21
CA ALA A 274 -3.26 9.70 10.86
C ALA A 274 -4.69 10.22 10.88
N GLU A 275 -5.50 9.72 11.81
CA GLU A 275 -6.89 10.17 11.89
C GLU A 275 -6.99 11.60 12.36
N LYS A 276 -6.12 12.01 13.30
CA LYS A 276 -6.17 13.38 13.80
C LYS A 276 -5.96 14.40 12.69
N ARG A 277 -5.24 14.02 11.63
CA ARG A 277 -4.98 14.92 10.52
C ARG A 277 -5.80 14.58 9.28
N ASN A 278 -6.80 13.71 9.42
CA ASN A 278 -7.70 13.35 8.32
C ASN A 278 -6.97 12.55 7.24
N PHE A 279 -6.02 11.72 7.66
CA PHE A 279 -5.39 10.77 6.76
C PHE A 279 -6.16 9.46 6.78
N SER A 280 -6.50 8.94 5.61
CA SER A 280 -6.89 7.55 5.54
C SER A 280 -5.66 6.68 5.74
N TRP A 281 -5.87 5.45 6.21
CA TRP A 281 -4.74 4.60 6.54
C TRP A 281 -5.06 3.14 6.24
N ALA A 282 -4.00 2.36 6.06
CA ALA A 282 -4.10 0.92 5.85
C ALA A 282 -2.97 0.26 6.61
N TYR A 283 -3.35 -0.55 7.59
CA TYR A 283 -2.36 -1.25 8.43
C TYR A 283 -1.52 -2.18 7.57
N TRP A 284 -0.22 -2.17 7.79
CA TRP A 284 0.61 -3.08 6.98
C TRP A 284 0.65 -4.43 7.61
N GLU A 285 -0.25 -5.15 6.97
CA GLU A 285 -0.29 -6.59 6.82
C GLU A 285 -1.23 -7.34 7.76
N LEU A 286 -2.07 -8.15 7.14
CA LEU A 286 -3.13 -8.93 7.80
C LEU A 286 -2.61 -10.19 8.48
N ALA A 287 -1.94 -11.08 7.76
CA ALA A 287 -1.65 -12.38 8.39
C ALA A 287 -0.20 -12.86 8.22
N SER A 288 0.75 -11.98 7.98
CA SER A 288 2.13 -12.38 7.72
C SER A 288 3.00 -11.98 8.91
N GLY A 289 4.28 -11.68 8.65
CA GLY A 289 5.21 -11.32 9.70
C GLY A 289 4.84 -10.06 10.45
N PHE A 290 4.03 -9.19 9.85
CA PHE A 290 3.48 -8.02 10.52
C PHE A 290 2.02 -8.22 10.91
N GLY A 291 1.51 -9.45 10.81
CA GLY A 291 0.09 -9.67 10.86
C GLY A 291 -0.52 -9.50 12.24
N ILE A 292 -1.84 -9.37 12.24
CA ILE A 292 -2.64 -9.26 13.46
C ILE A 292 -3.85 -10.19 13.32
N TYR A 293 -3.76 -11.13 12.39
CA TYR A 293 -4.89 -11.98 12.02
C TYR A 293 -4.36 -13.37 11.68
N ASN A 294 -5.01 -14.39 12.25
CA ASN A 294 -4.59 -15.78 12.08
C ASN A 294 -5.35 -16.38 10.90
N GLN A 295 -4.65 -16.59 9.79
CA GLN A 295 -5.31 -17.08 8.57
C GLN A 295 -5.86 -18.48 8.73
N ILE A 296 -5.35 -19.27 9.67
CA ILE A 296 -5.85 -20.63 9.84
C ILE A 296 -7.12 -20.66 10.68
N GLU A 297 -7.15 -19.89 11.79
CA GLU A 297 -8.32 -19.82 12.66
C GLU A 297 -9.27 -18.71 12.23
N GLY A 298 -8.80 -17.68 11.55
CA GLY A 298 -9.61 -16.50 11.29
C GLY A 298 -9.88 -15.66 12.52
N THR A 299 -8.94 -15.62 13.46
CA THR A 299 -9.07 -14.86 14.69
C THR A 299 -8.11 -13.67 14.68
N TRP A 300 -8.51 -12.60 15.35
CA TRP A 300 -7.76 -11.35 15.36
C TRP A 300 -6.94 -11.21 16.64
N ASP A 301 -5.83 -10.48 16.53
CA ASP A 301 -5.04 -10.11 17.69
C ASP A 301 -5.71 -8.91 18.34
N ARG A 302 -6.53 -9.17 19.36
CA ARG A 302 -7.30 -8.10 20.00
C ARG A 302 -6.42 -6.94 20.41
N ASP A 303 -5.21 -7.22 20.91
CA ASP A 303 -4.34 -6.16 21.39
C ASP A 303 -4.09 -5.11 20.30
N ILE A 304 -3.65 -5.56 19.13
CA ILE A 304 -3.33 -4.62 18.06
C ILE A 304 -4.60 -4.11 17.39
N LEU A 305 -5.59 -4.99 17.19
CA LEU A 305 -6.84 -4.55 16.57
C LEU A 305 -7.49 -3.42 17.35
N SER A 306 -7.40 -3.49 18.69
CA SER A 306 -7.93 -2.40 19.50
C SER A 306 -7.14 -1.11 19.29
N ALA A 307 -5.87 -1.21 18.94
CA ALA A 307 -5.08 -0.02 18.63
C ALA A 307 -5.55 0.63 17.33
N LEU A 308 -6.04 -0.17 16.39
CA LEU A 308 -6.48 0.35 15.09
C LEU A 308 -7.94 0.78 15.10
N ILE A 309 -8.82 -0.04 15.68
CA ILE A 309 -10.25 0.20 15.65
C ILE A 309 -10.77 0.06 17.07
N GLU A 310 -11.21 1.17 17.65
CA GLU A 310 -11.78 1.17 18.99
C GLU A 310 -13.21 0.67 18.96
#